data_5O1H
#
_entry.id   5O1H
#
_cell.length_a   65.133
_cell.length_b   71.397
_cell.length_c   105.233
_cell.angle_alpha   90.00
_cell.angle_beta   90.00
_cell.angle_gamma   90.00
#
_symmetry.space_group_name_H-M   'P 21 21 21'
#
loop_
_entity.id
_entity.type
_entity.pdbx_description
1 polymer 'Cellular tumor antigen p53'
2 non-polymer 'ZINC ION'
3 non-polymer '3-iodanyl-2-oxidanyl-5-propylsulfanyl-4-pyrrol-1-yl-benzoic acid'
4 non-polymer GLYCEROL
5 water water
#
_entity_poly.entity_id   1
_entity_poly.type   'polypeptide(L)'
_entity_poly.pdbx_seq_one_letter_code
;SSSVPSQKTYQGSYGFRLGFLHSGTAKSVTCTYSPALNKLFCQLAKTCPVQLWVDSTPPPGTRVRAMAIYKQSQHMTEVV
RRCPHHERCSDSDGLAPPQHLIRVEGNLRAEYLDDRNTFRHSVVVPCEPPEVGSDCTTIHYNYMCYSSCMGGMNRRPILT
IITLEDSSGNLLGRDSFEVRVCACPGRDRRTEEENLRKKGEPHHELPPGSTKRALPNNT
;
_entity_poly.pdbx_strand_id   A,B
#
loop_
_chem_comp.id
_chem_comp.type
_chem_comp.name
_chem_comp.formula
9GN non-polymer '3-iodanyl-2-oxidanyl-5-propylsulfanyl-4-pyrrol-1-yl-benzoic acid' 'C14 H14 I N O3 S'
GOL non-polymer GLYCEROL 'C3 H8 O3'
ZN non-polymer 'ZINC ION' 'Zn 2'
#
# COMPACT_ATOMS: atom_id res chain seq x y z
N SER A 3 7.67 12.30 -4.09
CA SER A 3 6.82 11.66 -3.10
C SER A 3 5.73 10.80 -3.76
N VAL A 4 4.92 10.17 -2.91
CA VAL A 4 3.88 9.25 -3.37
C VAL A 4 2.61 9.46 -2.56
N PRO A 5 1.46 9.64 -3.22
CA PRO A 5 0.21 9.79 -2.48
C PRO A 5 -0.15 8.50 -1.75
N SER A 6 -0.74 8.66 -0.56
CA SER A 6 -1.21 7.50 0.21
C SER A 6 -2.37 6.82 -0.52
N GLN A 7 -2.42 5.49 -0.41
CA GLN A 7 -3.53 4.71 -0.92
C GLN A 7 -4.29 3.97 0.18
N LYS A 8 -4.07 4.33 1.44
CA LYS A 8 -4.71 3.63 2.54
C LYS A 8 -6.21 3.94 2.59
N THR A 9 -7.03 2.89 2.60
CA THR A 9 -8.46 3.08 2.74
C THR A 9 -8.77 3.71 4.08
N TYR A 10 -9.62 4.74 4.06
CA TYR A 10 -9.92 5.51 5.27
C TYR A 10 -11.34 6.01 5.16
N GLN A 11 -12.26 5.42 5.93
CA GLN A 11 -13.65 5.87 5.85
C GLN A 11 -13.85 7.24 6.48
N GLY A 12 -13.11 7.53 7.56
CA GLY A 12 -13.22 8.84 8.19
C GLY A 12 -14.54 9.04 8.92
N SER A 13 -14.75 10.29 9.35
CA SER A 13 -15.88 10.61 10.21
C SER A 13 -17.22 10.43 9.51
N TYR A 14 -17.26 10.52 8.19
CA TYR A 14 -18.50 10.45 7.44
C TYR A 14 -18.78 9.06 6.85
N GLY A 15 -17.92 8.08 7.10
CA GLY A 15 -18.13 6.73 6.59
C GLY A 15 -18.06 6.66 5.07
N PHE A 16 -17.06 7.32 4.49
CA PHE A 16 -16.94 7.44 3.05
C PHE A 16 -16.41 6.15 2.42
N ARG A 17 -17.06 5.71 1.34
CA ARG A 17 -16.55 4.58 0.56
C ARG A 17 -17.18 4.61 -0.83
N LEU A 18 -16.57 3.87 -1.75
CA LEU A 18 -17.05 3.81 -3.13
C LEU A 18 -18.04 2.67 -3.32
N GLY A 19 -18.75 2.72 -4.45
CA GLY A 19 -19.55 1.60 -4.89
C GLY A 19 -19.52 1.54 -6.40
N PHE A 20 -19.76 0.35 -6.93
CA PHE A 20 -19.74 0.12 -8.37
C PHE A 20 -20.97 -0.67 -8.80
N LEU A 21 -21.41 -0.41 -10.03
CA LEU A 21 -22.51 -1.14 -10.61
C LEU A 21 -22.09 -2.58 -10.90
N HIS A 22 -23.09 -3.42 -11.20
CA HIS A 22 -22.86 -4.82 -11.56
C HIS A 22 -23.17 -4.97 -13.05
N SER A 23 -22.17 -4.73 -13.88
CA SER A 23 -22.35 -4.64 -15.32
C SER A 23 -22.13 -5.94 -16.07
N GLY A 24 -21.58 -6.97 -15.41
CA GLY A 24 -21.36 -8.24 -16.06
C GLY A 24 -20.11 -8.22 -16.94
N THR A 25 -19.92 -9.34 -17.67
CA THR A 25 -18.69 -9.53 -18.44
C THR A 25 -18.96 -9.90 -19.90
N ALA A 26 -20.12 -9.55 -20.43
CA ALA A 26 -20.40 -9.80 -21.85
C ALA A 26 -19.38 -9.07 -22.72
N LYS A 27 -19.20 -9.61 -23.93
CA LYS A 27 -18.21 -9.05 -24.86
C LYS A 27 -18.48 -7.58 -25.15
N SER A 28 -19.74 -7.15 -25.06
CA SER A 28 -20.13 -5.79 -25.41
C SER A 28 -20.00 -4.80 -24.25
N VAL A 29 -19.65 -5.25 -23.05
CA VAL A 29 -19.61 -4.34 -21.91
C VAL A 29 -18.47 -3.34 -22.07
N THR A 30 -18.73 -2.09 -21.70
CA THR A 30 -17.75 -1.03 -21.87
C THR A 30 -17.04 -0.63 -20.57
N CYS A 31 -17.60 -1.04 -19.43
CA CYS A 31 -17.03 -0.75 -18.12
C CYS A 31 -17.57 -1.81 -17.18
N THR A 32 -16.68 -2.46 -16.44
CA THR A 32 -17.10 -3.50 -15.51
C THR A 32 -16.12 -3.59 -14.35
N TYR A 33 -16.65 -3.80 -13.15
CA TYR A 33 -15.85 -3.77 -11.94
C TYR A 33 -15.77 -5.16 -11.34
N SER A 34 -14.55 -5.58 -10.95
CA SER A 34 -14.33 -6.86 -10.29
C SER A 34 -14.12 -6.66 -8.80
N PRO A 35 -15.08 -7.04 -7.95
CA PRO A 35 -14.82 -6.97 -6.50
C PRO A 35 -13.69 -7.88 -6.05
N ALA A 36 -13.54 -9.07 -6.65
CA ALA A 36 -12.49 -9.98 -6.21
C ALA A 36 -11.11 -9.40 -6.46
N LEU A 37 -10.94 -8.61 -7.52
CA LEU A 37 -9.66 -7.99 -7.86
C LEU A 37 -9.57 -6.55 -7.39
N ASN A 38 -10.65 -5.97 -6.89
CA ASN A 38 -10.78 -4.51 -6.68
C ASN A 38 -10.24 -3.75 -7.89
N LYS A 39 -10.80 -4.07 -9.05
CA LYS A 39 -10.24 -3.59 -10.31
C LYS A 39 -11.35 -3.25 -11.30
N LEU A 40 -11.30 -2.04 -11.83
CA LEU A 40 -12.21 -1.58 -12.87
C LEU A 40 -11.57 -1.84 -14.22
N PHE A 41 -12.34 -2.40 -15.15
CA PHE A 41 -11.92 -2.62 -16.54
C PHE A 41 -12.81 -1.76 -17.43
N CYS A 42 -12.20 -0.95 -18.29
CA CYS A 42 -13.02 -0.05 -19.09
C CYS A 42 -12.38 0.20 -20.44
N GLN A 43 -13.22 0.55 -21.40
CA GLN A 43 -12.77 0.98 -22.71
C GLN A 43 -12.32 2.43 -22.70
N LEU A 44 -11.54 2.79 -23.70
CA LEU A 44 -10.97 4.13 -23.81
C LEU A 44 -12.07 5.17 -23.94
N ALA A 45 -12.03 6.18 -23.05
CA ALA A 45 -12.90 7.35 -23.12
C ALA A 45 -14.38 7.02 -22.95
N LYS A 46 -14.71 5.90 -22.34
CA LYS A 46 -16.09 5.53 -22.08
C LYS A 46 -16.46 5.85 -20.64
N THR A 47 -17.76 6.04 -20.42
CA THR A 47 -18.28 6.42 -19.11
C THR A 47 -18.01 5.34 -18.07
N CYS A 48 -17.40 5.75 -16.95
CA CYS A 48 -17.17 4.85 -15.81
C CYS A 48 -17.94 5.41 -14.62
N PRO A 49 -19.10 4.86 -14.29
CA PRO A 49 -19.85 5.36 -13.13
C PRO A 49 -19.24 4.86 -11.83
N VAL A 50 -18.93 5.79 -10.93
CA VAL A 50 -18.41 5.47 -9.61
C VAL A 50 -19.34 6.08 -8.57
N GLN A 51 -19.89 5.24 -7.69
CA GLN A 51 -20.78 5.71 -6.64
C GLN A 51 -19.99 6.15 -5.42
N LEU A 52 -20.48 7.20 -4.78
CA LEU A 52 -19.94 7.68 -3.52
C LEU A 52 -21.00 7.43 -2.46
N TRP A 53 -20.61 6.80 -1.35
CA TRP A 53 -21.50 6.48 -0.25
C TRP A 53 -20.95 7.07 1.04
N VAL A 54 -21.84 7.58 1.90
CA VAL A 54 -21.47 8.07 3.22
C VAL A 54 -22.52 7.61 4.23
N ASP A 55 -22.10 7.55 5.50
CA ASP A 55 -23.03 7.31 6.59
C ASP A 55 -23.67 8.58 7.13
N SER A 56 -23.02 9.73 6.95
CA SER A 56 -23.56 10.99 7.41
C SER A 56 -23.12 12.10 6.46
N THR A 57 -23.86 13.20 6.48
CA THR A 57 -23.73 14.26 5.50
C THR A 57 -22.47 15.08 5.76
N PRO A 58 -21.55 15.20 4.81
CA PRO A 58 -20.38 16.07 5.03
C PRO A 58 -20.75 17.54 4.90
N PRO A 59 -19.90 18.44 5.37
CA PRO A 59 -20.23 19.88 5.38
C PRO A 59 -20.28 20.48 3.98
N PRO A 60 -20.99 21.60 3.82
CA PRO A 60 -20.91 22.35 2.56
C PRO A 60 -19.47 22.69 2.22
N GLY A 61 -19.11 22.54 0.95
CA GLY A 61 -17.76 22.79 0.51
C GLY A 61 -16.87 21.58 0.46
N THR A 62 -17.33 20.43 0.94
CA THR A 62 -16.58 19.19 0.77
C THR A 62 -16.47 18.87 -0.72
N ARG A 63 -15.33 18.29 -1.12
CA ARG A 63 -15.07 17.96 -2.52
C ARG A 63 -14.56 16.52 -2.64
N VAL A 64 -14.58 16.01 -3.88
CA VAL A 64 -14.14 14.65 -4.18
C VAL A 64 -13.10 14.75 -5.29
N ARG A 65 -11.90 14.24 -5.03
CA ARG A 65 -10.78 14.30 -5.97
C ARG A 65 -10.42 12.91 -6.46
N ALA A 66 -10.02 12.80 -7.72
CA ALA A 66 -9.52 11.57 -8.30
C ALA A 66 -8.12 11.79 -8.84
N MET A 67 -7.24 10.82 -8.60
CA MET A 67 -5.84 10.89 -9.03
C MET A 67 -5.37 9.47 -9.37
N ALA A 68 -4.56 9.33 -10.41
CA ALA A 68 -3.99 8.03 -10.75
C ALA A 68 -2.53 7.96 -10.32
N ILE A 69 -2.12 6.79 -9.82
CA ILE A 69 -0.71 6.49 -9.57
C ILE A 69 -0.38 5.11 -10.13
N TYR A 70 0.89 4.89 -10.44
CA TYR A 70 1.31 3.55 -10.82
C TYR A 70 1.25 2.63 -9.62
N LYS A 71 0.80 1.40 -9.85
CA LYS A 71 0.63 0.44 -8.76
C LYS A 71 1.96 -0.16 -8.30
N GLN A 72 2.89 -0.38 -9.22
CA GLN A 72 4.16 -1.01 -8.87
C GLN A 72 5.10 -0.01 -8.21
N SER A 73 5.75 -0.45 -7.12
CA SER A 73 6.56 0.45 -6.31
CA SER A 73 6.56 0.45 -6.31
C SER A 73 7.67 1.10 -7.12
N GLN A 74 8.26 0.37 -8.07
CA GLN A 74 9.37 0.93 -8.84
C GLN A 74 8.94 2.01 -9.83
N HIS A 75 7.63 2.20 -10.01
CA HIS A 75 7.11 3.26 -10.88
C HIS A 75 6.29 4.30 -10.14
N MET A 76 6.10 4.14 -8.82
CA MET A 76 5.12 4.95 -8.12
C MET A 76 5.47 6.43 -8.08
N THR A 77 6.74 6.79 -8.18
CA THR A 77 7.11 8.20 -8.20
C THR A 77 6.89 8.85 -9.56
N GLU A 78 6.61 8.09 -10.61
CA GLU A 78 6.41 8.67 -11.94
C GLU A 78 4.98 9.17 -12.08
N VAL A 79 4.83 10.41 -12.58
CA VAL A 79 3.50 10.96 -12.82
C VAL A 79 2.78 10.16 -13.90
N VAL A 80 1.55 9.75 -13.60
CA VAL A 80 0.69 9.11 -14.60
C VAL A 80 0.13 10.20 -15.51
N ARG A 81 0.40 10.08 -16.81
CA ARG A 81 -0.05 11.09 -17.77
C ARG A 81 -0.43 10.40 -19.08
N ARG A 82 -1.12 11.13 -19.93
CA ARG A 82 -1.41 10.60 -21.26
C ARG A 82 -0.14 10.47 -22.08
N CYS A 83 -0.16 9.53 -23.02
CA CYS A 83 0.98 9.19 -23.85
C CYS A 83 1.24 10.27 -24.89
N PRO A 84 2.40 10.21 -25.58
CA PRO A 84 2.74 11.28 -26.53
C PRO A 84 1.77 11.41 -27.69
N HIS A 85 1.06 10.33 -28.05
CA HIS A 85 0.02 10.44 -29.07
C HIS A 85 -1.23 11.09 -28.53
N HIS A 86 -1.78 10.56 -27.44
CA HIS A 86 -3.08 11.03 -26.97
C HIS A 86 -3.02 12.45 -26.43
N GLU A 87 -1.89 12.89 -25.88
CA GLU A 87 -1.85 14.27 -25.41
C GLU A 87 -1.91 15.27 -26.56
N ARG A 88 -1.70 14.83 -27.79
CA ARG A 88 -1.71 15.68 -28.98
C ARG A 88 -2.90 15.45 -29.89
N CYS A 89 -3.89 14.67 -29.48
N CYS A 89 -3.90 14.68 -29.45
CA CYS A 89 -4.95 14.31 -30.42
CA CYS A 89 -5.00 14.27 -30.31
C CYS A 89 -6.14 15.28 -30.41
C CYS A 89 -6.05 15.35 -30.51
N SER A 90 -6.05 16.39 -29.67
CA SER A 90 -7.03 17.47 -29.73
C SER A 90 -8.46 16.96 -29.47
N ASP A 91 -8.60 16.08 -28.49
CA ASP A 91 -9.90 15.59 -28.05
C ASP A 91 -10.39 16.31 -26.80
N SER A 92 -9.99 17.57 -26.64
CA SER A 92 -10.34 18.34 -25.46
C SER A 92 -11.86 18.48 -25.34
N ASP A 93 -12.33 18.54 -24.10
CA ASP A 93 -13.72 18.88 -23.80
C ASP A 93 -13.87 20.34 -23.42
N GLY A 94 -12.81 21.14 -23.56
CA GLY A 94 -12.83 22.53 -23.19
C GLY A 94 -12.44 22.82 -21.76
N LEU A 95 -12.25 21.81 -20.94
CA LEU A 95 -11.93 21.98 -19.52
C LEU A 95 -10.74 21.13 -19.09
N ALA A 96 -10.68 19.86 -19.48
CA ALA A 96 -9.57 19.00 -19.09
C ALA A 96 -8.33 19.36 -19.89
N PRO A 97 -7.18 19.55 -19.26
CA PRO A 97 -5.95 19.70 -20.02
C PRO A 97 -5.68 18.43 -20.80
N PRO A 98 -5.10 18.55 -22.01
CA PRO A 98 -4.93 17.36 -22.86
C PRO A 98 -4.00 16.31 -22.27
N GLN A 99 -3.18 16.66 -21.28
CA GLN A 99 -2.26 15.72 -20.66
C GLN A 99 -2.93 14.81 -19.62
N HIS A 100 -4.12 15.17 -19.13
CA HIS A 100 -4.71 14.46 -17.99
C HIS A 100 -5.35 13.15 -18.40
N LEU A 101 -5.00 12.07 -17.70
CA LEU A 101 -5.59 10.76 -17.96
C LEU A 101 -7.06 10.72 -17.56
N ILE A 102 -7.39 11.22 -16.38
CA ILE A 102 -8.73 11.10 -15.81
C ILE A 102 -9.51 12.38 -16.04
N ARG A 103 -10.68 12.26 -16.65
CA ARG A 103 -11.62 13.35 -16.78
C ARG A 103 -12.90 13.03 -16.04
N VAL A 104 -13.61 14.07 -15.62
CA VAL A 104 -14.99 13.95 -15.16
C VAL A 104 -15.90 14.39 -16.29
N GLU A 105 -16.90 13.58 -16.59
CA GLU A 105 -17.83 13.82 -17.67
C GLU A 105 -19.06 14.57 -17.13
N GLY A 106 -19.52 15.56 -17.89
CA GLY A 106 -20.79 16.20 -17.62
C GLY A 106 -20.90 16.94 -16.30
N ASN A 107 -19.83 17.62 -15.89
CA ASN A 107 -19.87 18.43 -14.68
C ASN A 107 -19.04 19.69 -14.94
N LEU A 108 -19.73 20.80 -15.18
CA LEU A 108 -19.05 22.05 -15.48
C LEU A 108 -18.30 22.63 -14.29
N ARG A 109 -18.48 22.08 -13.09
CA ARG A 109 -17.75 22.55 -11.92
C ARG A 109 -16.50 21.73 -11.63
N ALA A 110 -16.15 20.79 -12.50
CA ALA A 110 -14.92 20.03 -12.33
C ALA A 110 -13.74 20.97 -12.48
N GLU A 111 -12.73 20.78 -11.64
CA GLU A 111 -11.49 21.54 -11.69
CA GLU A 111 -11.49 21.54 -11.66
C GLU A 111 -10.34 20.57 -11.86
N TYR A 112 -9.40 20.93 -12.72
CA TYR A 112 -8.24 20.11 -13.03
C TYR A 112 -7.00 20.76 -12.45
N LEU A 113 -6.25 19.99 -11.66
CA LEU A 113 -5.07 20.50 -10.96
C LEU A 113 -3.81 19.86 -11.55
N ASP A 114 -2.84 20.72 -11.87
CA ASP A 114 -1.45 20.31 -12.06
C ASP A 114 -0.73 20.77 -10.80
N ASP A 115 -0.34 19.82 -9.95
CA ASP A 115 0.23 20.18 -8.66
C ASP A 115 1.57 20.89 -8.86
N ARG A 116 1.71 22.06 -8.23
CA ARG A 116 2.90 22.88 -8.46
C ARG A 116 4.16 22.26 -7.88
N ASN A 117 4.04 21.32 -6.95
CA ASN A 117 5.20 20.69 -6.33
C ASN A 117 5.45 19.26 -6.77
N THR A 118 4.41 18.45 -6.92
CA THR A 118 4.57 17.06 -7.33
C THR A 118 4.36 16.84 -8.82
N PHE A 119 3.78 17.81 -9.52
CA PHE A 119 3.45 17.73 -10.95
C PHE A 119 2.38 16.70 -11.26
N ARG A 120 1.76 16.11 -10.25
CA ARG A 120 0.71 15.13 -10.50
C ARG A 120 -0.58 15.82 -10.92
N HIS A 121 -1.38 15.09 -11.68
CA HIS A 121 -2.66 15.57 -12.18
C HIS A 121 -3.78 15.02 -11.31
N SER A 122 -4.83 15.84 -11.14
CA SER A 122 -6.02 15.33 -10.50
C SER A 122 -7.21 16.14 -10.99
N VAL A 123 -8.40 15.60 -10.76
CA VAL A 123 -9.65 16.26 -11.10
C VAL A 123 -10.55 16.22 -9.88
N VAL A 124 -11.11 17.37 -9.51
CA VAL A 124 -11.87 17.50 -8.28
C VAL A 124 -13.23 18.14 -8.57
N VAL A 125 -14.27 17.64 -7.92
CA VAL A 125 -15.62 18.20 -8.09
C VAL A 125 -16.24 18.50 -6.72
N PRO A 126 -17.16 19.46 -6.65
CA PRO A 126 -17.87 19.68 -5.38
C PRO A 126 -18.79 18.51 -5.09
N CYS A 127 -18.90 18.17 -3.82
CA CYS A 127 -19.88 17.16 -3.41
C CYS A 127 -21.28 17.71 -3.58
N GLU A 128 -22.17 16.88 -4.14
CA GLU A 128 -23.57 17.22 -4.23
C GLU A 128 -24.37 16.07 -3.63
N PRO A 129 -25.43 16.35 -2.87
CA PRO A 129 -26.19 15.27 -2.26
C PRO A 129 -26.92 14.46 -3.30
N PRO A 130 -27.32 13.22 -2.97
CA PRO A 130 -28.06 12.40 -3.93
C PRO A 130 -29.34 13.09 -4.40
N GLU A 131 -29.74 12.79 -5.63
CA GLU A 131 -31.02 13.26 -6.11
C GLU A 131 -32.15 12.62 -5.32
N VAL A 132 -33.30 13.30 -5.28
CA VAL A 132 -34.43 12.79 -4.54
C VAL A 132 -34.79 11.40 -5.03
N GLY A 133 -34.90 10.46 -4.10
CA GLY A 133 -35.15 9.07 -4.43
C GLY A 133 -33.91 8.20 -4.55
N SER A 134 -32.72 8.78 -4.45
CA SER A 134 -31.48 8.03 -4.53
C SER A 134 -30.77 8.06 -3.18
N ASP A 135 -29.94 7.04 -2.94
CA ASP A 135 -29.22 6.91 -1.69
C ASP A 135 -27.73 7.20 -1.82
N CYS A 136 -27.24 7.41 -3.02
CA CYS A 136 -25.83 7.72 -3.23
C CYS A 136 -25.72 8.70 -4.38
N THR A 137 -24.51 9.24 -4.56
CA THR A 137 -24.22 10.11 -5.67
CA THR A 137 -24.18 10.14 -5.66
C THR A 137 -23.21 9.43 -6.59
N THR A 138 -23.34 9.65 -7.89
CA THR A 138 -22.48 9.01 -8.87
C THR A 138 -21.68 10.07 -9.61
N ILE A 139 -20.37 9.81 -9.76
CA ILE A 139 -19.51 10.60 -10.62
C ILE A 139 -19.18 9.76 -11.84
N HIS A 140 -19.17 10.39 -13.01
CA HIS A 140 -18.86 9.70 -14.26
C HIS A 140 -17.45 10.08 -14.69
N TYR A 141 -16.53 9.12 -14.63
CA TYR A 141 -15.14 9.34 -15.02
C TYR A 141 -14.88 8.78 -16.41
N ASN A 142 -13.87 9.34 -17.08
CA ASN A 142 -13.36 8.81 -18.34
C ASN A 142 -11.86 8.65 -18.21
N TYR A 143 -11.33 7.56 -18.76
CA TYR A 143 -9.89 7.32 -18.82
C TYR A 143 -9.43 7.48 -20.26
N MET A 144 -8.45 8.35 -20.49
CA MET A 144 -8.20 8.88 -21.83
C MET A 144 -6.98 8.30 -22.54
N CYS A 145 -6.41 7.21 -22.02
CA CYS A 145 -5.37 6.42 -22.68
C CYS A 145 -5.62 4.96 -22.34
N TYR A 146 -5.16 4.07 -23.22
CA TYR A 146 -5.11 2.64 -22.91
C TYR A 146 -3.97 2.33 -21.96
N SER A 147 -4.16 1.29 -21.14
CA SER A 147 -3.07 0.83 -20.28
C SER A 147 -1.83 0.50 -21.10
N SER A 148 -1.99 0.08 -22.34
CA SER A 148 -0.91 -0.36 -23.21
C SER A 148 -0.21 0.79 -23.96
N CYS A 149 -0.68 2.03 -23.83
CA CYS A 149 -0.17 3.10 -24.69
C CYS A 149 1.34 3.27 -24.54
N MET A 150 2.05 3.19 -25.65
CA MET A 150 3.49 3.33 -25.63
C MET A 150 3.89 4.77 -25.28
N GLY A 151 4.94 4.89 -24.47
CA GLY A 151 5.37 6.18 -24.01
C GLY A 151 4.49 6.79 -22.94
N GLY A 152 3.40 6.13 -22.57
CA GLY A 152 2.55 6.55 -21.47
C GLY A 152 2.51 5.47 -20.43
N MET A 153 1.33 4.92 -20.12
CA MET A 153 1.28 3.87 -19.12
C MET A 153 2.10 2.65 -19.52
N ASN A 154 2.18 2.33 -20.83
CA ASN A 154 3.13 1.33 -21.32
C ASN A 154 2.98 -0.02 -20.62
N ARG A 155 1.72 -0.46 -20.48
CA ARG A 155 1.33 -1.74 -19.90
CA ARG A 155 1.33 -1.75 -19.89
C ARG A 155 1.47 -1.81 -18.38
N ARG A 156 1.84 -0.71 -17.73
CA ARG A 156 1.98 -0.70 -16.28
C ARG A 156 0.62 -0.49 -15.63
N PRO A 157 0.25 -1.31 -14.64
CA PRO A 157 -1.04 -1.10 -13.97
CA PRO A 157 -1.03 -1.11 -13.95
C PRO A 157 -1.05 0.18 -13.14
N ILE A 158 -2.23 0.77 -13.05
CA ILE A 158 -2.45 1.98 -12.26
C ILE A 158 -3.55 1.75 -11.24
N LEU A 159 -3.52 2.57 -10.20
N LEU A 159 -3.58 2.65 -10.26
CA LEU A 159 -4.61 2.71 -9.26
CA LEU A 159 -4.60 2.69 -9.21
C LEU A 159 -5.23 4.09 -9.43
C LEU A 159 -5.20 4.08 -9.19
N THR A 160 -6.53 4.17 -9.20
CA THR A 160 -7.20 5.45 -9.00
C THR A 160 -7.47 5.61 -7.51
N ILE A 161 -7.05 6.75 -6.96
CA ILE A 161 -7.28 7.10 -5.56
C ILE A 161 -8.36 8.18 -5.53
N ILE A 162 -9.45 7.92 -4.80
CA ILE A 162 -10.54 8.87 -4.65
C ILE A 162 -10.49 9.39 -3.22
N THR A 163 -10.37 10.70 -3.06
CA THR A 163 -10.31 11.30 -1.74
CA THR A 163 -10.27 11.33 -1.76
C THR A 163 -11.46 12.26 -1.54
N LEU A 164 -12.05 12.18 -0.34
CA LEU A 164 -13.02 13.16 0.13
C LEU A 164 -12.23 14.19 0.90
N GLU A 165 -12.40 15.47 0.55
CA GLU A 165 -11.57 16.54 1.10
C GLU A 165 -12.44 17.69 1.61
N ASP A 166 -11.95 18.38 2.64
CA ASP A 166 -12.64 19.59 3.07
C ASP A 166 -12.30 20.76 2.13
N SER A 167 -12.83 21.94 2.42
CA SER A 167 -12.68 23.06 1.52
C SER A 167 -11.22 23.52 1.39
N SER A 168 -10.36 23.20 2.35
CA SER A 168 -8.94 23.51 2.28
C SER A 168 -8.12 22.43 1.61
N GLY A 169 -8.75 21.30 1.25
CA GLY A 169 -8.02 20.18 0.71
C GLY A 169 -7.55 19.17 1.73
N ASN A 170 -7.94 19.31 2.99
CA ASN A 170 -7.54 18.34 4.01
C ASN A 170 -8.32 17.03 3.84
N LEU A 171 -7.67 15.93 4.21
CA LEU A 171 -8.22 14.61 4.00
C LEU A 171 -9.39 14.33 4.94
N LEU A 172 -10.52 13.88 4.38
CA LEU A 172 -11.65 13.39 5.16
C LEU A 172 -11.92 11.91 4.97
N GLY A 173 -11.55 11.35 3.83
CA GLY A 173 -11.79 9.95 3.53
C GLY A 173 -11.02 9.58 2.28
N ARG A 174 -10.79 8.27 2.11
CA ARG A 174 -10.01 7.79 0.98
C ARG A 174 -10.44 6.38 0.61
N ASP A 175 -10.50 6.10 -0.69
CA ASP A 175 -10.73 4.76 -1.20
C ASP A 175 -9.96 4.66 -2.52
N SER A 176 -9.85 3.46 -3.06
CA SER A 176 -9.05 3.29 -4.27
C SER A 176 -9.42 2.00 -4.98
N PHE A 177 -9.04 1.92 -6.25
CA PHE A 177 -9.26 0.73 -7.07
C PHE A 177 -8.24 0.70 -8.20
N GLU A 178 -7.84 -0.50 -8.60
CA GLU A 178 -7.01 -0.65 -9.78
C GLU A 178 -7.85 -0.42 -11.04
N VAL A 179 -7.19 0.04 -12.12
CA VAL A 179 -7.86 0.26 -13.39
C VAL A 179 -7.04 -0.37 -14.51
N ARG A 180 -7.72 -1.05 -15.43
CA ARG A 180 -7.15 -1.44 -16.71
C ARG A 180 -8.02 -0.83 -17.80
N VAL A 181 -7.42 -0.04 -18.67
CA VAL A 181 -8.11 0.53 -19.82
C VAL A 181 -7.75 -0.32 -21.02
N CYS A 182 -8.73 -0.94 -21.65
CA CYS A 182 -8.46 -2.00 -22.62
C CYS A 182 -9.62 -2.09 -23.61
N ALA A 183 -9.38 -2.83 -24.70
CA ALA A 183 -10.37 -2.93 -25.75
C ALA A 183 -11.55 -3.82 -25.38
N CYS A 184 -11.33 -4.86 -24.57
CA CYS A 184 -12.37 -5.83 -24.24
CA CYS A 184 -12.38 -5.84 -24.24
C CYS A 184 -12.42 -6.05 -22.73
N PRO A 185 -13.02 -5.12 -21.99
CA PRO A 185 -13.04 -5.25 -20.52
C PRO A 185 -13.73 -6.50 -20.00
N GLY A 186 -14.80 -6.96 -20.65
CA GLY A 186 -15.47 -8.16 -20.17
C GLY A 186 -14.59 -9.39 -20.24
N ARG A 187 -13.93 -9.58 -21.38
CA ARG A 187 -13.01 -10.70 -21.54
C ARG A 187 -11.85 -10.59 -20.56
N ASP A 188 -11.27 -9.40 -20.41
CA ASP A 188 -10.11 -9.27 -19.54
C ASP A 188 -10.49 -9.48 -18.08
N ARG A 189 -11.66 -9.01 -17.66
CA ARG A 189 -12.10 -9.30 -16.30
C ARG A 189 -12.26 -10.80 -16.08
N ARG A 190 -12.87 -11.49 -17.04
CA ARG A 190 -13.05 -12.94 -16.91
C ARG A 190 -11.70 -13.65 -16.84
N THR A 191 -10.74 -13.25 -17.69
CA THR A 191 -9.43 -13.87 -17.68
C THR A 191 -8.72 -13.65 -16.35
N GLU A 192 -8.73 -12.41 -15.85
CA GLU A 192 -8.00 -12.12 -14.62
C GLU A 192 -8.65 -12.76 -13.41
N GLU A 193 -10.00 -12.85 -13.38
CA GLU A 193 -10.66 -13.55 -12.28
C GLU A 193 -10.37 -15.04 -12.33
N GLU A 194 -10.28 -15.61 -13.53
CA GLU A 194 -9.91 -17.02 -13.66
C GLU A 194 -8.48 -17.25 -13.18
N ASN A 195 -7.56 -16.36 -13.55
CA ASN A 195 -6.18 -16.46 -13.08
C ASN A 195 -6.12 -16.41 -11.56
N LEU A 196 -6.93 -15.53 -10.94
CA LEU A 196 -6.95 -15.42 -9.49
C LEU A 196 -7.47 -16.70 -8.86
N ARG A 197 -8.51 -17.30 -9.44
CA ARG A 197 -9.04 -18.54 -8.90
C ARG A 197 -8.03 -19.69 -9.05
N LYS A 198 -7.31 -19.73 -10.16
CA LYS A 198 -6.33 -20.78 -10.40
C LYS A 198 -5.08 -20.54 -9.55
N SER B 2 29.54 -2.04 13.83
CA SER B 2 28.61 -1.38 14.75
C SER B 2 28.25 -2.27 15.93
N SER B 3 27.90 -1.65 17.07
CA SER B 3 27.49 -2.42 18.24
CA SER B 3 27.48 -2.41 18.24
C SER B 3 26.22 -3.20 17.93
N VAL B 4 25.98 -4.25 18.71
CA VAL B 4 24.92 -5.23 18.44
C VAL B 4 23.74 -4.98 19.37
N PRO B 5 22.56 -4.67 18.84
CA PRO B 5 21.39 -4.49 19.69
C PRO B 5 20.98 -5.80 20.34
N SER B 6 20.45 -5.70 21.56
CA SER B 6 20.00 -6.89 22.27
C SER B 6 18.79 -7.50 21.56
N GLN B 7 18.72 -8.83 21.57
CA GLN B 7 17.55 -9.55 21.08
C GLN B 7 16.81 -10.28 22.19
N LYS B 8 17.14 -10.02 23.45
CA LYS B 8 16.57 -10.80 24.54
C LYS B 8 15.10 -10.44 24.76
N THR B 9 14.25 -11.47 24.84
CA THR B 9 12.84 -11.25 25.10
C THR B 9 12.63 -10.61 26.46
N TYR B 10 11.83 -9.56 26.50
CA TYR B 10 11.60 -8.80 27.73
C TYR B 10 10.18 -8.24 27.69
N GLN B 11 9.27 -8.83 28.47
CA GLN B 11 7.89 -8.36 28.44
C GLN B 11 7.73 -6.99 29.08
N GLY B 12 8.51 -6.68 30.12
CA GLY B 12 8.42 -5.40 30.77
C GLY B 12 7.11 -5.19 31.54
N SER B 13 6.93 -3.95 31.98
CA SER B 13 5.83 -3.62 32.89
C SER B 13 4.46 -3.81 32.24
N TYR B 14 4.38 -3.70 30.92
CA TYR B 14 3.10 -3.78 30.23
C TYR B 14 2.78 -5.16 29.68
N GLY B 15 3.66 -6.14 29.89
CA GLY B 15 3.38 -7.49 29.38
C GLY B 15 3.41 -7.56 27.88
N PHE B 16 4.40 -6.92 27.25
CA PHE B 16 4.46 -6.78 25.79
C PHE B 16 4.97 -8.06 25.13
N ARG B 17 4.27 -8.50 24.07
CA ARG B 17 4.73 -9.62 23.26
C ARG B 17 4.06 -9.56 21.90
N LEU B 18 4.65 -10.28 20.94
CA LEU B 18 4.12 -10.32 19.58
C LEU B 18 3.13 -11.46 19.40
N GLY B 19 2.37 -11.38 18.31
CA GLY B 19 1.55 -12.50 17.86
C GLY B 19 1.50 -12.49 16.35
N PHE B 20 1.13 -13.63 15.79
CA PHE B 20 1.11 -13.80 14.34
C PHE B 20 -0.15 -14.54 13.94
N LEU B 21 -0.65 -14.22 12.74
CA LEU B 21 -1.78 -14.95 12.18
C LEU B 21 -1.40 -16.40 11.88
N HIS B 22 -2.42 -17.23 11.69
CA HIS B 22 -2.23 -18.62 11.29
C HIS B 22 -2.61 -18.72 9.82
N SER B 23 -1.64 -18.46 8.94
CA SER B 23 -1.91 -18.33 7.52
C SER B 23 -1.71 -19.62 6.74
N GLY B 24 -1.16 -20.66 7.35
CA GLY B 24 -0.97 -21.93 6.65
C GLY B 24 0.20 -21.89 5.68
N THR B 25 0.31 -22.96 4.89
CA THR B 25 1.48 -23.14 4.04
C THR B 25 1.14 -23.45 2.59
N ALA B 26 -0.05 -23.06 2.12
CA ALA B 26 -0.40 -23.24 0.72
C ALA B 26 0.58 -22.50 -0.17
N LYS B 27 0.66 -22.95 -1.44
CA LYS B 27 1.63 -22.38 -2.37
C LYS B 27 1.42 -20.90 -2.60
N SER B 28 0.18 -20.42 -2.45
CA SER B 28 -0.17 -19.04 -2.76
C SER B 28 -0.01 -18.09 -1.57
N VAL B 29 0.37 -18.60 -0.39
CA VAL B 29 0.46 -17.73 0.78
C VAL B 29 1.62 -16.76 0.62
N THR B 30 1.40 -15.51 1.01
CA THR B 30 2.41 -14.48 0.85
C THR B 30 3.21 -14.21 2.12
N CYS B 31 2.70 -14.63 3.27
CA CYS B 31 3.38 -14.45 4.55
C CYS B 31 2.86 -15.54 5.48
N THR B 32 3.76 -16.24 6.15
CA THR B 32 3.35 -17.29 7.09
C THR B 32 4.38 -17.42 8.19
N TYR B 33 3.90 -17.65 9.41
CA TYR B 33 4.77 -17.69 10.58
C TYR B 33 4.85 -19.11 11.15
N SER B 34 6.06 -19.55 11.46
CA SER B 34 6.29 -20.85 12.07
C SER B 34 6.57 -20.69 13.56
N PRO B 35 5.64 -21.07 14.45
CA PRO B 35 5.96 -21.04 15.88
C PRO B 35 7.11 -21.96 16.26
N ALA B 36 7.20 -23.13 15.64
CA ALA B 36 8.26 -24.07 16.01
C ALA B 36 9.65 -23.50 15.72
N LEU B 37 9.78 -22.70 14.67
CA LEU B 37 11.04 -22.09 14.29
C LEU B 37 11.18 -20.65 14.77
N ASN B 38 10.14 -20.06 15.36
CA ASN B 38 10.04 -18.61 15.60
C ASN B 38 10.52 -17.83 14.38
N LYS B 39 9.92 -18.14 13.23
CA LYS B 39 10.43 -17.65 11.96
C LYS B 39 9.28 -17.27 11.05
N LEU B 40 9.34 -16.05 10.54
CA LEU B 40 8.39 -15.53 9.56
CA LEU B 40 8.39 -15.53 9.56
C LEU B 40 8.96 -15.74 8.16
N PHE B 41 8.13 -16.26 7.26
CA PHE B 41 8.50 -16.46 5.86
C PHE B 41 7.60 -15.57 5.02
N CYS B 42 8.19 -14.75 4.15
CA CYS B 42 7.36 -13.82 3.39
C CYS B 42 7.93 -13.59 2.01
N GLN B 43 7.06 -13.16 1.10
CA GLN B 43 7.45 -12.73 -0.22
C GLN B 43 7.97 -11.30 -0.20
N LEU B 44 8.74 -10.95 -1.23
CA LEU B 44 9.34 -9.64 -1.35
C LEU B 44 8.28 -8.53 -1.37
N ALA B 45 8.40 -7.58 -0.45
CA ALA B 45 7.60 -6.36 -0.40
C ALA B 45 6.12 -6.60 -0.12
N LYS B 46 5.73 -7.80 0.28
CA LYS B 46 4.33 -8.06 0.59
C LYS B 46 4.01 -7.76 2.05
N THR B 47 2.71 -7.64 2.33
CA THR B 47 2.25 -7.30 3.67
C THR B 47 2.56 -8.41 4.66
N CYS B 48 3.23 -8.04 5.76
CA CYS B 48 3.50 -8.96 6.86
C CYS B 48 2.80 -8.43 8.11
N PRO B 49 1.66 -8.99 8.48
CA PRO B 49 0.97 -8.52 9.69
C PRO B 49 1.67 -9.04 10.94
N VAL B 50 1.98 -8.13 11.86
CA VAL B 50 2.55 -8.49 13.15
C VAL B 50 1.65 -7.90 14.23
N GLN B 51 1.18 -8.75 15.14
CA GLN B 51 0.32 -8.30 16.22
C GLN B 51 1.15 -7.90 17.42
N LEU B 52 0.69 -6.86 18.12
CA LEU B 52 1.25 -6.46 19.40
CA LEU B 52 1.25 -6.46 19.40
C LEU B 52 0.21 -6.76 20.47
N TRP B 53 0.65 -7.39 21.55
CA TRP B 53 -0.22 -7.74 22.68
C TRP B 53 0.37 -7.16 23.95
N VAL B 54 -0.50 -6.66 24.84
CA VAL B 54 -0.07 -6.19 26.15
C VAL B 54 -1.09 -6.64 27.20
N ASP B 55 -0.62 -6.71 28.45
CA ASP B 55 -1.51 -6.96 29.58
C ASP B 55 -2.15 -5.68 30.12
N SER B 56 -1.52 -4.53 29.90
CA SER B 56 -2.06 -3.26 30.36
C SER B 56 -1.70 -2.18 29.37
N THR B 57 -2.49 -1.12 29.37
CA THR B 57 -2.41 -0.07 28.36
C THR B 57 -1.18 0.79 28.59
N PRO B 58 -0.28 0.93 27.61
CA PRO B 58 0.86 1.85 27.76
C PRO B 58 0.42 3.30 27.61
N PRO B 59 1.24 4.25 28.07
CA PRO B 59 0.85 5.67 28.05
C PRO B 59 0.77 6.24 26.64
N PRO B 60 0.01 7.31 26.44
CA PRO B 60 0.05 8.03 25.17
C PRO B 60 1.48 8.44 24.83
N GLY B 61 1.87 8.26 23.57
CA GLY B 61 3.20 8.59 23.14
C GLY B 61 4.15 7.40 23.10
N THR B 62 3.73 6.25 23.62
CA THR B 62 4.51 5.04 23.46
C THR B 62 4.61 4.69 21.97
N ARG B 63 5.74 4.13 21.55
CA ARG B 63 5.98 3.81 20.14
C ARG B 63 6.49 2.38 20.02
N VAL B 64 6.45 1.86 18.79
CA VAL B 64 6.92 0.51 18.47
C VAL B 64 7.94 0.62 17.34
N ARG B 65 9.14 0.09 17.57
CA ARG B 65 10.25 0.18 16.62
C ARG B 65 10.61 -1.21 16.12
N ALA B 66 10.97 -1.31 14.83
CA ALA B 66 11.46 -2.55 14.23
C ALA B 66 12.86 -2.31 13.66
N MET B 67 13.74 -3.28 13.87
CA MET B 67 15.12 -3.24 13.39
C MET B 67 15.54 -4.67 13.05
N ALA B 68 16.32 -4.83 11.98
CA ALA B 68 16.87 -6.13 11.60
C ALA B 68 18.33 -6.23 12.02
N ILE B 69 18.73 -7.43 12.45
CA ILE B 69 20.13 -7.77 12.66
C ILE B 69 20.40 -9.15 12.05
N TYR B 70 21.67 -9.40 11.70
CA TYR B 70 22.04 -10.74 11.28
C TYR B 70 22.05 -11.68 12.48
N LYS B 71 21.59 -12.92 12.24
CA LYS B 71 21.45 -13.91 13.31
C LYS B 71 22.79 -14.53 13.70
N GLN B 72 23.66 -14.81 12.74
CA GLN B 72 24.91 -15.51 13.01
C GLN B 72 25.93 -14.59 13.68
N SER B 73 26.69 -15.16 14.61
CA SER B 73 27.64 -14.36 15.38
C SER B 73 28.68 -13.68 14.49
N GLN B 74 29.08 -14.33 13.39
CA GLN B 74 30.08 -13.73 12.52
C GLN B 74 29.55 -12.53 11.73
N HIS B 75 28.23 -12.37 11.65
CA HIS B 75 27.64 -11.29 10.86
C HIS B 75 26.90 -10.26 11.69
N MET B 76 26.69 -10.50 12.98
CA MET B 76 25.81 -9.64 13.77
CA MET B 76 25.81 -9.65 13.78
C MET B 76 26.30 -8.20 13.87
N THR B 77 27.61 -7.96 13.73
CA THR B 77 28.07 -6.57 13.80
C THR B 77 27.88 -5.78 12.50
N GLU B 78 27.46 -6.44 11.42
CA GLU B 78 27.26 -5.76 10.14
C GLU B 78 25.83 -5.21 10.06
N VAL B 79 25.69 -3.95 9.64
CA VAL B 79 24.37 -3.36 9.46
C VAL B 79 23.60 -4.12 8.38
N VAL B 80 22.37 -4.49 8.69
CA VAL B 80 21.48 -5.09 7.69
C VAL B 80 20.93 -3.98 6.81
N ARG B 81 21.16 -4.07 5.50
CA ARG B 81 20.70 -3.04 4.58
C ARG B 81 20.27 -3.69 3.28
N ARG B 82 19.59 -2.91 2.43
CA ARG B 82 19.24 -3.40 1.11
C ARG B 82 20.48 -3.52 0.24
N CYS B 83 20.39 -4.43 -0.74
CA CYS B 83 21.50 -4.81 -1.59
C CYS B 83 21.80 -3.70 -2.60
N PRO B 84 22.92 -3.80 -3.32
CA PRO B 84 23.29 -2.72 -4.24
C PRO B 84 22.31 -2.51 -5.38
N HIS B 85 21.57 -3.54 -5.77
CA HIS B 85 20.52 -3.37 -6.77
C HIS B 85 19.30 -2.66 -6.18
N HIS B 86 18.73 -3.21 -5.10
CA HIS B 86 17.47 -2.69 -4.60
C HIS B 86 17.60 -1.29 -4.02
N GLU B 87 18.76 -0.92 -3.46
CA GLU B 87 18.88 0.45 -2.97
C GLU B 87 18.85 1.47 -4.09
N ARG B 88 19.05 1.03 -5.34
CA ARG B 88 19.08 1.91 -6.51
C ARG B 88 17.88 1.74 -7.44
N CYS B 89 16.81 1.09 -7.00
N CYS B 89 16.81 1.11 -6.95
CA CYS B 89 15.72 0.80 -7.93
CA CYS B 89 15.67 0.76 -7.80
C CYS B 89 14.55 1.79 -7.84
C CYS B 89 14.64 1.86 -7.96
N SER B 90 14.74 2.94 -7.19
CA SER B 90 13.74 4.03 -7.20
C SER B 90 12.34 3.56 -6.79
N ASP B 91 12.29 2.68 -5.77
CA ASP B 91 11.01 2.17 -5.30
C ASP B 91 10.59 2.75 -3.95
N SER B 92 11.18 3.87 -3.55
CA SER B 92 10.81 4.47 -2.27
C SER B 92 9.39 5.03 -2.35
N ASP B 93 8.74 5.08 -1.19
CA ASP B 93 7.41 5.66 -1.04
C ASP B 93 7.46 7.13 -0.65
N GLY B 94 8.63 7.77 -0.73
CA GLY B 94 8.79 9.13 -0.26
C GLY B 94 9.01 9.25 1.23
N LEU B 95 8.90 8.16 1.98
CA LEU B 95 9.15 8.16 3.42
C LEU B 95 10.33 7.28 3.78
N ALA B 96 10.34 6.04 3.33
CA ALA B 96 11.44 5.14 3.66
C ALA B 96 12.67 5.48 2.82
N PRO B 97 13.84 5.64 3.44
CA PRO B 97 15.06 5.75 2.66
C PRO B 97 15.25 4.50 1.82
N PRO B 98 15.81 4.63 0.63
CA PRO B 98 15.94 3.44 -0.25
C PRO B 98 16.85 2.36 0.29
N GLN B 99 17.69 2.67 1.29
CA GLN B 99 18.58 1.68 1.89
C GLN B 99 17.88 0.77 2.89
N HIS B 100 16.72 1.15 3.41
CA HIS B 100 16.13 0.44 4.55
C HIS B 100 15.42 -0.84 4.12
N LEU B 101 15.78 -1.94 4.77
CA LEU B 101 15.14 -3.22 4.49
C LEU B 101 13.67 -3.24 4.92
N ILE B 102 13.37 -2.74 6.12
CA ILE B 102 12.04 -2.86 6.71
C ILE B 102 11.28 -1.56 6.52
N ARG B 103 10.10 -1.66 5.92
CA ARG B 103 9.17 -0.54 5.84
C ARG B 103 7.89 -0.87 6.61
N VAL B 104 7.19 0.17 7.03
CA VAL B 104 5.82 0.04 7.52
C VAL B 104 4.89 0.46 6.39
N GLU B 105 3.88 -0.37 6.12
CA GLU B 105 2.91 -0.12 5.08
C GLU B 105 1.69 0.60 5.66
N GLY B 106 1.23 1.63 4.96
CA GLY B 106 -0.04 2.27 5.30
C GLY B 106 -0.09 3.01 6.62
N ASN B 107 0.99 3.70 6.99
CA ASN B 107 0.98 4.53 8.20
C ASN B 107 1.82 5.77 7.93
N LEU B 108 1.16 6.90 7.68
CA LEU B 108 1.87 8.14 7.40
C LEU B 108 2.65 8.68 8.59
N ARG B 109 2.45 8.12 9.79
CA ARG B 109 3.22 8.53 10.96
C ARG B 109 4.46 7.69 11.18
N ALA B 110 4.78 6.76 10.29
CA ALA B 110 6.01 6.01 10.40
C ALA B 110 7.21 6.95 10.24
N GLU B 111 8.22 6.74 11.06
CA GLU B 111 9.46 7.50 10.98
C GLU B 111 10.62 6.52 10.81
N TYR B 112 11.58 6.91 9.98
CA TYR B 112 12.73 6.08 9.66
C TYR B 112 13.98 6.71 10.24
N LEU B 113 14.77 5.92 10.96
CA LEU B 113 15.97 6.39 11.64
C LEU B 113 17.21 5.74 11.04
N ASP B 114 18.20 6.57 10.70
CA ASP B 114 19.57 6.15 10.48
C ASP B 114 20.33 6.54 11.74
N ASP B 115 20.70 5.57 12.56
CA ASP B 115 21.31 5.89 13.85
C ASP B 115 22.65 6.58 13.62
N ARG B 116 22.82 7.75 14.25
CA ARG B 116 24.01 8.56 13.99
C ARG B 116 25.29 7.93 14.53
N ASN B 117 25.17 7.00 15.47
CA ASN B 117 26.34 6.35 16.06
C ASN B 117 26.57 4.93 15.52
N THR B 118 25.52 4.12 15.43
CA THR B 118 25.65 2.74 15.01
C THR B 118 25.40 2.54 13.52
N PHE B 119 24.80 3.52 12.85
CA PHE B 119 24.44 3.45 11.43
C PHE B 119 23.36 2.44 11.13
N ARG B 120 22.76 1.85 12.15
CA ARG B 120 21.69 0.90 11.90
C ARG B 120 20.39 1.59 11.56
N HIS B 121 19.55 0.89 10.80
CA HIS B 121 18.29 1.39 10.32
C HIS B 121 17.15 0.87 11.19
N SER B 122 16.13 1.71 11.37
CA SER B 122 14.93 1.24 12.04
C SER B 122 13.74 2.06 11.58
N VAL B 123 12.55 1.52 11.81
CA VAL B 123 11.30 2.20 11.51
C VAL B 123 10.41 2.15 12.74
N VAL B 124 9.83 3.29 13.09
CA VAL B 124 9.10 3.41 14.35
C VAL B 124 7.74 4.05 14.08
N VAL B 125 6.71 3.55 14.76
CA VAL B 125 5.36 4.11 14.62
C VAL B 125 4.76 4.39 16.00
N PRO B 126 3.82 5.32 16.11
CA PRO B 126 3.11 5.49 17.38
C PRO B 126 2.24 4.28 17.68
N CYS B 127 2.18 3.92 18.96
CA CYS B 127 1.20 2.93 19.41
C CYS B 127 -0.21 3.50 19.29
N GLU B 128 -1.11 2.70 18.74
CA GLU B 128 -2.54 3.04 18.70
C GLU B 128 -3.31 1.89 19.32
N PRO B 129 -4.40 2.17 20.02
CA PRO B 129 -5.17 1.09 20.65
C PRO B 129 -5.83 0.22 19.61
N PRO B 130 -6.21 -1.01 19.97
CA PRO B 130 -6.87 -1.90 19.00
C PRO B 130 -8.14 -1.27 18.46
N GLU B 131 -8.46 -1.61 17.22
CA GLU B 131 -9.73 -1.18 16.64
C GLU B 131 -10.89 -1.85 17.36
N VAL B 132 -12.08 -1.30 17.17
CA VAL B 132 -13.27 -1.88 17.79
C VAL B 132 -13.44 -3.31 17.34
N GLY B 133 -13.78 -4.19 18.29
CA GLY B 133 -13.92 -5.60 18.00
C GLY B 133 -12.62 -6.36 17.85
N SER B 134 -11.49 -5.76 18.25
CA SER B 134 -10.20 -6.44 18.20
C SER B 134 -9.55 -6.35 19.58
N ASP B 135 -8.74 -7.36 19.89
CA ASP B 135 -8.05 -7.45 21.17
C ASP B 135 -6.57 -7.09 21.08
N CYS B 136 -6.06 -6.83 19.88
CA CYS B 136 -4.66 -6.48 19.69
C CYS B 136 -4.56 -5.47 18.57
N THR B 137 -3.38 -4.88 18.45
CA THR B 137 -3.07 -3.94 17.38
C THR B 137 -2.12 -4.63 16.41
N THR B 138 -2.28 -4.34 15.11
CA THR B 138 -1.47 -4.95 14.08
C THR B 138 -0.69 -3.87 13.35
N ILE B 139 0.59 -4.15 13.11
CA ILE B 139 1.41 -3.33 12.22
C ILE B 139 1.70 -4.15 10.97
N HIS B 140 1.64 -3.52 9.81
CA HIS B 140 1.93 -4.18 8.54
CA HIS B 140 1.93 -4.19 8.55
C HIS B 140 3.34 -3.79 8.12
N TYR B 141 4.25 -4.77 8.11
CA TYR B 141 5.62 -4.55 7.65
C TYR B 141 5.82 -5.07 6.24
N ASN B 142 6.79 -4.48 5.54
CA ASN B 142 7.24 -4.98 4.24
C ASN B 142 8.75 -5.15 4.30
N TYR B 143 9.25 -6.26 3.77
CA TYR B 143 10.68 -6.52 3.67
C TYR B 143 11.11 -6.36 2.22
N MET B 144 12.12 -5.52 1.97
CA MET B 144 12.35 -4.96 0.64
C MET B 144 13.54 -5.56 -0.10
N CYS B 145 14.09 -6.66 0.40
CA CYS B 145 15.06 -7.47 -0.34
C CYS B 145 14.77 -8.94 -0.03
N TYR B 146 15.15 -9.80 -0.96
CA TYR B 146 15.17 -11.24 -0.68
C TYR B 146 16.33 -11.58 0.24
N SER B 147 16.13 -12.64 1.06
CA SER B 147 17.23 -13.14 1.86
C SER B 147 18.46 -13.47 1.01
N SER B 148 18.26 -13.85 -0.25
CA SER B 148 19.34 -14.26 -1.14
C SER B 148 20.02 -13.10 -1.87
N CYS B 149 19.58 -11.86 -1.70
CA CYS B 149 20.08 -10.78 -2.57
C CYS B 149 21.61 -10.65 -2.47
N MET B 150 22.28 -10.72 -3.63
CA MET B 150 23.73 -10.60 -3.66
C MET B 150 24.16 -9.20 -3.23
N GLY B 151 25.23 -9.14 -2.44
CA GLY B 151 25.71 -7.86 -1.93
C GLY B 151 24.88 -7.26 -0.82
N GLY B 152 23.76 -7.88 -0.46
CA GLY B 152 22.96 -7.50 0.69
C GLY B 152 22.96 -8.63 1.69
N MET B 153 21.77 -9.14 2.04
CA MET B 153 21.71 -10.24 3.01
C MET B 153 22.48 -11.46 2.53
N ASN B 154 22.50 -11.72 1.23
CA ASN B 154 23.37 -12.74 0.63
C ASN B 154 23.25 -14.09 1.33
N ARG B 155 22.00 -14.52 1.54
CA ARG B 155 21.61 -15.81 2.10
C ARG B 155 21.84 -15.91 3.61
N ARG B 156 22.26 -14.84 4.26
CA ARG B 156 22.48 -14.86 5.70
C ARG B 156 21.17 -14.62 6.44
N PRO B 157 20.82 -15.47 7.41
CA PRO B 157 19.57 -15.27 8.14
C PRO B 157 19.58 -14.00 8.99
N ILE B 158 18.41 -13.38 9.09
CA ILE B 158 18.23 -12.19 9.92
C ILE B 158 17.16 -12.44 10.97
N LEU B 159 17.21 -11.59 11.99
CA LEU B 159 16.14 -11.46 12.98
C LEU B 159 15.57 -10.05 12.88
N THR B 160 14.26 -9.93 13.10
CA THR B 160 13.65 -8.64 13.38
C THR B 160 13.46 -8.52 14.88
N ILE B 161 13.91 -7.41 15.44
CA ILE B 161 13.73 -7.07 16.85
C ILE B 161 12.67 -5.98 16.92
N ILE B 162 11.61 -6.25 17.69
CA ILE B 162 10.53 -5.29 17.89
C ILE B 162 10.64 -4.78 19.30
N THR B 163 10.73 -3.46 19.46
CA THR B 163 10.83 -2.86 20.78
CA THR B 163 10.86 -2.81 20.76
C THR B 163 9.67 -1.91 21.02
N LEU B 164 9.13 -1.99 22.22
CA LEU B 164 8.17 -1.02 22.72
C LEU B 164 8.98 0.03 23.48
N GLU B 165 8.76 1.31 23.17
CA GLU B 165 9.59 2.40 23.68
C GLU B 165 8.72 3.53 24.21
N ASP B 166 9.22 4.23 25.22
CA ASP B 166 8.52 5.45 25.63
C ASP B 166 8.82 6.58 24.65
N SER B 167 8.26 7.77 24.92
CA SER B 167 8.39 8.86 23.98
C SER B 167 9.82 9.38 23.87
N SER B 168 10.69 9.07 24.82
CA SER B 168 12.12 9.41 24.74
C SER B 168 12.93 8.34 24.04
N GLY B 169 12.34 7.19 23.72
CA GLY B 169 13.08 6.09 23.16
C GLY B 169 13.59 5.07 24.17
N ASN B 170 13.24 5.23 25.45
CA ASN B 170 13.68 4.26 26.45
C ASN B 170 12.92 2.95 26.30
N LEU B 171 13.62 1.84 26.55
CA LEU B 171 13.06 0.52 26.34
C LEU B 171 11.96 0.20 27.36
N LEU B 172 10.82 -0.27 26.86
CA LEU B 172 9.76 -0.79 27.71
C LEU B 172 9.50 -2.28 27.52
N GLY B 173 9.81 -2.83 26.35
CA GLY B 173 9.61 -4.24 26.08
C GLY B 173 10.31 -4.62 24.79
N ARG B 174 10.56 -5.92 24.63
CA ARG B 174 11.30 -6.39 23.48
C ARG B 174 10.85 -7.80 23.11
N ASP B 175 10.79 -8.07 21.81
CA ASP B 175 10.51 -9.42 21.30
C ASP B 175 11.22 -9.51 19.94
N SER B 176 11.27 -10.70 19.37
CA SER B 176 12.01 -10.87 18.13
C SER B 176 11.56 -12.14 17.42
N PHE B 177 11.88 -12.21 16.13
CA PHE B 177 11.59 -13.37 15.29
C PHE B 177 12.55 -13.40 14.11
N GLU B 178 12.88 -14.60 13.66
CA GLU B 178 13.70 -14.74 12.45
C GLU B 178 12.84 -14.45 11.22
N VAL B 179 13.48 -14.02 10.14
CA VAL B 179 12.75 -13.75 8.90
C VAL B 179 13.51 -14.37 7.74
N ARG B 180 12.76 -15.02 6.84
CA ARG B 180 13.26 -15.39 5.52
C ARG B 180 12.35 -14.74 4.48
N VAL B 181 12.94 -13.92 3.61
CA VAL B 181 12.22 -13.31 2.49
C VAL B 181 12.53 -14.14 1.25
N CYS B 182 11.50 -14.76 0.67
CA CYS B 182 11.69 -15.78 -0.35
C CYS B 182 10.49 -15.82 -1.28
N ALA B 183 10.67 -16.53 -2.41
CA ALA B 183 9.63 -16.56 -3.43
C ALA B 183 8.44 -17.42 -3.03
N CYS B 184 8.67 -18.49 -2.26
CA CYS B 184 7.62 -19.45 -1.91
CA CYS B 184 7.61 -19.43 -1.91
C CYS B 184 7.64 -19.68 -0.40
N PRO B 185 7.08 -18.76 0.38
CA PRO B 185 7.10 -18.91 1.84
C PRO B 185 6.44 -20.19 2.35
N GLY B 186 5.32 -20.59 1.75
CA GLY B 186 4.64 -21.79 2.22
C GLY B 186 5.50 -23.02 2.07
N ARG B 187 6.11 -23.19 0.89
CA ARG B 187 6.99 -24.34 0.67
C ARG B 187 8.20 -24.30 1.58
N ASP B 188 8.82 -23.12 1.74
CA ASP B 188 10.02 -23.06 2.57
C ASP B 188 9.70 -23.31 4.03
N ARG B 189 8.56 -22.84 4.52
CA ARG B 189 8.18 -23.16 5.89
C ARG B 189 7.98 -24.66 6.07
N ARG B 190 7.27 -25.30 5.13
CA ARG B 190 7.08 -26.74 5.22
C ARG B 190 8.40 -27.49 5.21
N THR B 191 9.33 -27.07 4.34
CA THR B 191 10.64 -27.71 4.26
C THR B 191 11.40 -27.55 5.57
N GLU B 192 11.48 -26.33 6.09
CA GLU B 192 12.28 -26.11 7.29
C GLU B 192 11.66 -26.77 8.52
N GLU B 193 10.32 -26.83 8.60
CA GLU B 193 9.69 -27.55 9.69
C GLU B 193 9.91 -29.05 9.55
N GLU B 194 9.92 -29.56 8.32
CA GLU B 194 10.23 -30.97 8.09
C GLU B 194 11.66 -31.29 8.52
N ASN B 195 12.61 -30.41 8.19
CA ASN B 195 13.98 -30.59 8.64
C ASN B 195 14.05 -30.64 10.17
N LEU B 196 13.28 -29.79 10.84
CA LEU B 196 13.33 -29.75 12.31
C LEU B 196 12.94 -31.09 12.90
N ARG B 197 11.94 -31.76 12.32
CA ARG B 197 11.57 -33.09 12.76
C ARG B 197 12.62 -34.11 12.32
ZN ZN C . -2.49 6.99 -25.12
C10 9GN D . -21.59 13.52 -2.47
C13 9GN D . -20.57 12.61 -0.70
C01 9GN D . -25.20 12.98 1.29
C02 9GN D . -24.49 14.19 1.10
C03 9GN D . -23.35 14.27 0.28
C04 9GN D . -22.93 13.12 -0.37
C05 9GN D . -23.60 11.91 -0.18
C06 9GN D . -24.73 11.83 0.63
I01 9GN D . -22.96 10.16 -1.18
S01 9GN D . -22.46 15.78 0.00
C07 9GN D . -23.55 17.08 0.63
C08 9GN D . -23.03 18.44 0.18
N01 9GN D . -21.77 13.11 -1.16
O01 9GN D . -25.38 10.63 0.78
C09 9GN D . -26.41 12.96 2.19
O02 9GN D . -26.75 14.03 2.77
O03 9GN D . -27.00 11.85 2.29
C11 9GN D . -20.29 13.27 -2.82
C12 9GN D . -19.63 12.70 -1.71
C14 9GN D . -21.65 18.74 0.73
ZN ZN E . 17.89 -6.81 -2.81
C10 9GN F . -0.50 -0.68 20.41
C13 9GN F . 0.54 -1.63 22.15
C01 9GN F . -4.06 -1.25 24.21
C02 9GN F . -3.40 -0.02 23.99
C03 9GN F . -2.28 0.04 23.15
C04 9GN F . -1.82 -1.11 22.52
C05 9GN F . -2.46 -2.33 22.74
C06 9GN F . -3.58 -2.41 23.57
I01 9GN F . -1.78 -4.08 21.78
S01 9GN F . -1.43 1.58 22.84
C07 9GN F . -2.56 2.86 23.48
C08 9GN F . -2.06 4.22 23.03
N01 9GN F . -0.66 -1.11 21.71
O01 9GN F . -4.20 -3.61 23.77
C09 9GN F . -5.26 -1.30 25.11
O02 9GN F . -5.60 -0.22 25.70
O03 9GN F . -5.84 -2.43 25.21
C11 9GN F . 0.80 -0.93 20.05
C12 9GN F . 1.47 -1.53 21.14
C14 9GN F . -0.68 4.52 23.57
C1 GOL G . 14.29 -15.15 -4.98
O1 GOL G . 14.25 -15.30 -6.37
C2 GOL G . 14.62 -16.48 -4.32
O2 GOL G . 15.91 -16.42 -3.75
C3 GOL G . 13.61 -16.77 -3.22
O3 GOL G . 13.77 -18.07 -2.72
#